data_4KNN
#
_entry.id   4KNN
#
_cell.length_a   56.182
_cell.length_b   57.470
_cell.length_c   159.467
_cell.angle_alpha   90.000
_cell.angle_beta   90.000
_cell.angle_gamma   90.000
#
_symmetry.space_group_name_H-M   'P 21 21 21'
#
loop_
_entity.id
_entity.type
_entity.pdbx_description
1 polymer 'Carbonic anhydrase 13'
2 non-polymer 'ZINC ION'
3 non-polymer 2-chloro-4-[(pyrimidin-2-ylsulfanyl)acetyl]benzenesulfonamide
4 non-polymer 'CITRIC ACID'
5 non-polymer 1,2-ETHANEDIOL
6 non-polymer 'ACETIC ACID'
7 non-polymer DI(HYDROXYETHYL)ETHER
8 water water
#
_entity_poly.entity_id   1
_entity_poly.type   'polypeptide(L)'
_entity_poly.pdbx_seq_one_letter_code
;MMSRLSWGYREHNGPIHWKEFFPIADGDQQSPIEIKTKEVKYDSSLRPLSIKYDPSSAKIISNSGHSFNVDFDDTENKSV
LRGGPLTGSYRLRQVHLHWGSADDHGSEHIVDGVSYAAELHVVHWNSDKYPSFVEAAHEPDGLAVLGVFLQIGEPNSQLQ
KITDTLDSIKEKGKQTRFTNFDLLSLLPPSWDYWTYPGSLTVPPLLESVTWIVLKQPINISSQQLAKFRSLLCTAEGEAA
AFLVSNHRPPQPLKGRKVRASFH
;
_entity_poly.pdbx_strand_id   B,A
#
# COMPACT_ATOMS: atom_id res chain seq x y z
N SER A 6 -5.54 24.75 -31.30
CA SER A 6 -5.96 24.11 -30.01
C SER A 6 -5.12 24.57 -28.81
N TRP A 7 -5.55 24.14 -27.65
CA TRP A 7 -4.97 24.61 -26.41
C TRP A 7 -3.53 24.19 -26.18
N GLY A 8 -2.83 24.95 -25.35
CA GLY A 8 -1.41 24.59 -25.05
C GLY A 8 -0.98 25.45 -23.87
N TYR A 9 0.32 25.81 -23.80
CA TYR A 9 0.87 26.57 -22.74
C TYR A 9 1.66 27.80 -23.25
N ARG A 10 1.40 28.14 -24.52
CA ARG A 10 2.12 29.29 -25.16
C ARG A 10 1.22 30.47 -24.95
N GLU A 11 1.61 31.63 -25.49
CA GLU A 11 1.03 32.89 -25.05
C GLU A 11 -0.45 32.99 -25.41
N HIS A 12 -0.74 32.51 -26.60
CA HIS A 12 -2.01 32.68 -27.24
C HIS A 12 -2.93 31.56 -26.94
N ASN A 13 -2.39 30.43 -26.46
CA ASN A 13 -3.26 29.31 -26.27
C ASN A 13 -3.20 28.74 -24.85
N GLY A 14 -2.59 29.54 -23.96
CA GLY A 14 -2.17 29.00 -22.63
C GLY A 14 -3.24 29.20 -21.60
N PRO A 15 -2.95 28.83 -20.34
CA PRO A 15 -3.97 28.74 -19.30
C PRO A 15 -4.93 29.91 -19.19
N ILE A 16 -4.40 31.16 -19.32
CA ILE A 16 -5.30 32.29 -19.14
C ILE A 16 -6.38 32.34 -20.26
N HIS A 17 -6.16 31.63 -21.36
CA HIS A 17 -7.14 31.61 -22.44
C HIS A 17 -8.03 30.45 -22.41
N TRP A 18 -7.77 29.43 -21.59
CA TRP A 18 -8.61 28.26 -21.63
C TRP A 18 -10.07 28.55 -21.36
N LYS A 19 -10.37 29.48 -20.46
CA LYS A 19 -11.77 29.94 -20.05
C LYS A 19 -12.59 30.37 -21.24
N GLU A 20 -11.91 30.88 -22.26
CA GLU A 20 -12.59 31.36 -23.49
C GLU A 20 -13.27 30.18 -24.25
N PHE A 21 -12.63 29.01 -24.19
N PHE A 21 -12.60 29.02 -24.26
CA PHE A 21 -13.01 27.79 -24.94
CA PHE A 21 -12.99 27.75 -24.96
C PHE A 21 -13.34 26.50 -24.13
C PHE A 21 -13.72 26.76 -23.98
N PHE A 22 -13.19 26.59 -22.79
CA PHE A 22 -13.79 25.66 -21.80
C PHE A 22 -14.18 26.46 -20.60
N PRO A 23 -15.44 26.94 -20.53
CA PRO A 23 -15.89 27.82 -19.51
C PRO A 23 -15.85 27.26 -18.13
N ILE A 24 -15.82 25.88 -18.05
CA ILE A 24 -15.68 25.29 -16.73
C ILE A 24 -14.25 25.62 -16.18
N ALA A 25 -13.36 26.21 -17.01
CA ALA A 25 -12.12 26.73 -16.46
C ALA A 25 -12.39 27.66 -15.33
N ASP A 26 -13.52 28.36 -15.37
CA ASP A 26 -13.96 29.23 -14.34
C ASP A 26 -14.96 28.69 -13.32
N GLY A 27 -14.97 27.37 -13.25
CA GLY A 27 -15.82 26.63 -12.33
C GLY A 27 -15.50 26.78 -10.83
N ASP A 28 -16.33 26.14 -10.00
CA ASP A 28 -16.27 26.22 -8.63
C ASP A 28 -15.30 25.16 -7.99
N GLN A 29 -14.91 24.18 -8.82
CA GLN A 29 -14.04 23.10 -8.24
C GLN A 29 -12.82 22.80 -9.12
N GLN A 30 -12.13 23.91 -9.49
CA GLN A 30 -10.93 23.83 -10.36
C GLN A 30 -9.61 23.60 -9.59
N SER A 31 -8.74 22.92 -10.36
CA SER A 31 -7.41 22.58 -9.84
C SER A 31 -6.34 23.14 -10.77
N PRO A 32 -5.10 23.28 -10.27
CA PRO A 32 -4.62 23.05 -8.92
C PRO A 32 -4.97 24.19 -7.99
N ILE A 33 -4.46 24.09 -6.80
CA ILE A 33 -4.78 25.12 -5.77
C ILE A 33 -3.51 25.41 -5.01
N GLU A 34 -3.57 26.52 -4.26
CA GLU A 34 -2.66 26.79 -3.14
C GLU A 34 -3.04 25.95 -1.94
N ILE A 35 -2.11 25.19 -1.39
CA ILE A 35 -2.34 24.49 -0.16
C ILE A 35 -1.68 25.27 0.99
N LYS A 36 -2.53 25.79 1.86
CA LYS A 36 -2.11 26.58 3.03
C LYS A 36 -2.20 25.71 4.24
N THR A 37 -1.06 25.26 4.68
CA THR A 37 -1.10 24.19 5.74
C THR A 37 -1.84 24.58 7.06
N LYS A 38 -1.87 25.85 7.47
CA LYS A 38 -2.65 26.29 8.62
C LYS A 38 -4.13 26.30 8.41
N GLU A 39 -4.63 26.25 7.15
CA GLU A 39 -6.04 26.26 6.85
C GLU A 39 -6.60 24.88 6.62
N VAL A 40 -5.68 23.91 6.44
CA VAL A 40 -6.18 22.59 6.17
C VAL A 40 -6.77 21.95 7.41
N LYS A 41 -7.79 21.16 7.21
CA LYS A 41 -8.38 20.51 8.35
C LYS A 41 -7.88 19.06 8.53
N TYR A 42 -7.30 18.70 9.67
CA TYR A 42 -6.98 17.31 9.91
C TYR A 42 -8.29 16.53 10.00
N ASP A 43 -8.39 15.35 9.40
CA ASP A 43 -9.59 14.60 9.41
C ASP A 43 -9.28 13.17 9.80
N SER A 44 -9.73 12.72 10.99
CA SER A 44 -9.39 11.38 11.47
C SER A 44 -10.17 10.31 10.73
N SER A 45 -11.14 10.60 9.90
CA SER A 45 -11.83 9.58 9.14
C SER A 45 -11.01 9.20 7.84
N LEU A 46 -10.04 10.03 7.44
CA LEU A 46 -9.26 9.69 6.24
C LEU A 46 -8.37 8.48 6.58
N ARG A 47 -8.16 7.68 5.57
CA ARG A 47 -7.44 6.46 5.77
C ARG A 47 -6.03 6.57 5.14
N PRO A 48 -5.09 5.80 5.60
CA PRO A 48 -3.80 5.69 4.82
C PRO A 48 -4.08 5.25 3.39
N LEU A 49 -3.17 5.62 2.47
CA LEU A 49 -3.37 5.11 1.09
C LEU A 49 -3.08 3.56 1.01
N SER A 50 -3.92 2.88 0.25
CA SER A 50 -3.69 1.45 -0.04
C SER A 50 -3.24 1.35 -1.55
N ILE A 51 -1.96 1.05 -1.77
CA ILE A 51 -1.40 1.27 -3.13
C ILE A 51 -0.92 -0.05 -3.68
N LYS A 52 -1.39 -0.46 -4.84
CA LYS A 52 -0.90 -1.63 -5.53
C LYS A 52 -0.62 -1.31 -6.96
N TYR A 53 0.65 -1.27 -7.36
CA TYR A 53 1.06 -0.97 -8.76
C TYR A 53 1.93 -2.06 -9.29
N ASP A 54 1.47 -2.73 -10.33
CA ASP A 54 2.19 -3.87 -10.94
C ASP A 54 3.17 -3.26 -12.00
N PRO A 55 4.49 -3.37 -11.80
CA PRO A 55 5.44 -2.84 -12.85
C PRO A 55 5.16 -3.34 -14.27
N SER A 56 4.52 -4.44 -14.45
CA SER A 56 4.27 -4.95 -15.81
C SER A 56 3.03 -4.30 -16.40
N SER A 57 2.25 -3.48 -15.63
CA SER A 57 1.06 -2.78 -16.07
C SER A 57 1.49 -1.66 -17.09
N ALA A 58 2.66 -1.06 -16.90
CA ALA A 58 3.13 -0.04 -17.81
C ALA A 58 3.38 -0.65 -19.21
N LYS A 59 2.84 0.05 -20.24
CA LYS A 59 3.06 -0.54 -21.59
C LYS A 59 3.67 0.41 -22.63
N ILE A 60 3.27 1.69 -22.63
CA ILE A 60 3.69 2.56 -23.73
C ILE A 60 3.99 3.90 -23.16
N ILE A 61 4.95 4.61 -23.71
CA ILE A 61 5.17 6.03 -23.30
C ILE A 61 4.98 6.88 -24.61
N SER A 62 4.33 8.00 -24.53
CA SER A 62 4.04 8.83 -25.71
C SER A 62 4.13 10.31 -25.39
N ASN A 63 4.32 11.13 -26.44
CA ASN A 63 4.35 12.54 -26.27
C ASN A 63 3.03 13.05 -26.72
N SER A 64 2.17 13.60 -25.90
CA SER A 64 0.90 14.15 -26.33
C SER A 64 0.92 15.51 -26.94
N GLY A 65 2.10 16.14 -26.85
CA GLY A 65 2.22 17.60 -27.16
C GLY A 65 2.08 18.44 -25.88
N HIS A 66 1.56 17.88 -24.76
CA HIS A 66 1.23 18.57 -23.54
C HIS A 66 2.06 18.03 -22.35
N SER A 67 2.57 16.82 -22.49
CA SER A 67 3.42 16.17 -21.48
C SER A 67 3.88 14.87 -22.11
N PHE A 68 4.64 14.02 -21.42
CA PHE A 68 4.65 12.62 -21.81
C PHE A 68 3.52 11.91 -21.03
N ASN A 69 3.10 10.79 -21.60
CA ASN A 69 2.17 9.87 -20.83
C ASN A 69 2.69 8.48 -20.83
N VAL A 70 2.83 7.84 -19.66
CA VAL A 70 3.02 6.46 -19.51
C VAL A 70 1.63 5.87 -19.40
N ASP A 71 1.23 5.07 -20.42
CA ASP A 71 -0.11 4.35 -20.41
C ASP A 71 0.11 2.97 -19.83
N PHE A 72 -0.83 2.69 -18.93
CA PHE A 72 -0.91 1.36 -18.24
C PHE A 72 -2.10 0.63 -18.83
N ASP A 73 -1.94 -0.70 -18.84
CA ASP A 73 -3.10 -1.55 -19.31
C ASP A 73 -4.13 -1.53 -18.16
N ASP A 74 -5.23 -0.91 -18.41
CA ASP A 74 -6.33 -0.76 -17.46
C ASP A 74 -7.57 -1.73 -17.83
N THR A 75 -7.18 -2.80 -18.49
CA THR A 75 -8.14 -3.97 -18.76
C THR A 75 -8.60 -4.59 -17.49
N GLU A 76 -7.76 -4.87 -16.51
CA GLU A 76 -8.34 -5.35 -15.23
C GLU A 76 -7.65 -4.73 -14.05
N ASN A 77 -7.89 -5.22 -12.85
CA ASN A 77 -7.56 -4.58 -11.64
C ASN A 77 -6.23 -5.04 -11.12
N LYS A 78 -5.19 -5.11 -11.92
CA LYS A 78 -3.90 -5.43 -11.38
C LYS A 78 -3.28 -4.22 -10.58
N SER A 79 -3.58 -2.97 -10.99
CA SER A 79 -2.96 -1.81 -10.36
C SER A 79 -4.03 -0.91 -9.97
N VAL A 80 -4.20 -0.73 -8.63
CA VAL A 80 -5.33 0.02 -8.08
C VAL A 80 -4.91 0.85 -6.87
N LEU A 81 -5.67 1.92 -6.68
CA LEU A 81 -5.48 2.74 -5.46
C LEU A 81 -6.80 2.64 -4.70
N ARG A 82 -6.67 2.43 -3.37
CA ARG A 82 -7.81 2.36 -2.43
C ARG A 82 -7.39 3.11 -1.18
N GLY A 83 -8.36 3.24 -0.24
CA GLY A 83 -8.07 3.92 0.96
C GLY A 83 -8.02 5.44 0.74
N GLY A 84 -7.21 6.11 1.58
CA GLY A 84 -7.16 7.63 1.43
C GLY A 84 -8.57 8.15 1.70
N PRO A 85 -9.09 9.10 0.90
CA PRO A 85 -10.46 9.62 0.99
C PRO A 85 -11.42 8.82 0.15
N LEU A 86 -10.99 7.77 -0.54
CA LEU A 86 -11.74 7.12 -1.59
C LEU A 86 -12.74 6.02 -1.11
N THR A 87 -13.87 6.02 -1.79
CA THR A 87 -14.84 4.86 -1.62
C THR A 87 -14.60 3.95 -2.77
N GLY A 88 -14.19 2.71 -2.49
CA GLY A 88 -14.07 1.77 -3.60
C GLY A 88 -12.67 1.86 -4.28
N SER A 89 -12.54 1.19 -5.43
CA SER A 89 -11.26 0.90 -6.04
C SER A 89 -11.11 1.69 -7.31
N TYR A 90 -9.98 2.41 -7.36
CA TYR A 90 -9.60 3.29 -8.50
C TYR A 90 -8.47 2.69 -9.29
N ARG A 91 -8.68 2.35 -10.55
CA ARG A 91 -7.76 1.67 -11.41
C ARG A 91 -6.74 2.60 -12.07
N LEU A 92 -5.48 2.20 -11.98
CA LEU A 92 -4.41 3.00 -12.64
C LEU A 92 -4.62 3.05 -14.14
N ARG A 93 -4.60 4.26 -14.68
CA ARG A 93 -4.66 4.50 -16.12
C ARG A 93 -3.33 5.07 -16.73
N GLN A 94 -2.79 6.17 -16.16
CA GLN A 94 -1.66 6.84 -16.85
C GLN A 94 -0.97 7.71 -15.86
N VAL A 95 0.30 7.97 -16.19
CA VAL A 95 1.20 8.86 -15.40
C VAL A 95 1.73 9.93 -16.38
N HIS A 96 1.79 11.13 -15.87
CA HIS A 96 2.43 12.23 -16.63
C HIS A 96 3.02 13.22 -15.65
N LEU A 97 3.69 14.26 -16.18
CA LEU A 97 4.50 15.17 -15.39
C LEU A 97 4.21 16.62 -15.83
N HIS A 98 4.29 17.53 -14.88
CA HIS A 98 4.21 18.98 -15.20
C HIS A 98 5.47 19.63 -14.61
N TRP A 99 6.01 20.62 -15.38
CA TRP A 99 7.28 21.27 -15.00
C TRP A 99 7.12 22.71 -15.49
N GLY A 100 8.20 23.46 -15.23
CA GLY A 100 8.28 24.91 -15.68
C GLY A 100 9.58 25.05 -16.39
N SER A 101 9.74 26.31 -16.87
CA SER A 101 11.04 26.65 -17.53
C SER A 101 12.21 26.76 -16.57
N ALA A 102 11.98 26.93 -15.32
CA ALA A 102 13.08 27.00 -14.37
C ALA A 102 12.74 26.08 -13.19
N ASP A 103 13.76 25.61 -12.56
CA ASP A 103 13.59 24.68 -11.41
C ASP A 103 12.85 25.36 -10.30
N ASP A 104 12.85 26.72 -10.33
CA ASP A 104 12.26 27.58 -9.37
C ASP A 104 10.78 27.37 -9.19
N HIS A 105 10.10 27.00 -10.28
CA HIS A 105 8.67 27.12 -10.32
C HIS A 105 8.12 26.20 -11.41
N GLY A 106 7.81 24.96 -11.02
CA GLY A 106 7.33 23.99 -11.95
C GLY A 106 6.09 23.20 -11.60
N SER A 107 5.73 23.16 -10.32
CA SER A 107 4.62 22.30 -9.89
C SER A 107 3.35 23.08 -10.17
N GLU A 108 2.25 22.30 -10.06
CA GLU A 108 0.85 22.83 -10.20
C GLU A 108 0.30 23.25 -8.85
N HIS A 109 0.23 22.29 -7.89
CA HIS A 109 -0.09 22.66 -6.50
C HIS A 109 1.13 23.37 -5.90
N ILE A 110 0.83 24.33 -4.99
CA ILE A 110 1.86 25.15 -4.37
C ILE A 110 1.60 25.08 -2.83
N VAL A 111 2.63 24.89 -2.02
CA VAL A 111 2.39 24.63 -0.62
C VAL A 111 3.01 25.80 0.18
N ASP A 112 2.10 26.63 0.75
CA ASP A 112 2.50 27.86 1.51
C ASP A 112 3.45 28.63 0.65
N GLY A 113 3.09 28.78 -0.64
CA GLY A 113 3.92 29.56 -1.56
C GLY A 113 5.10 28.90 -2.17
N VAL A 114 5.38 27.66 -1.76
CA VAL A 114 6.53 26.87 -2.37
C VAL A 114 6.04 26.15 -3.65
N SER A 115 6.65 26.48 -4.73
N SER A 115 6.51 26.57 -4.82
CA SER A 115 6.46 25.66 -5.88
CA SER A 115 6.36 25.84 -6.14
C SER A 115 7.61 24.70 -5.80
C SER A 115 7.57 24.90 -6.35
N TYR A 116 7.33 23.54 -6.36
CA TYR A 116 8.39 22.56 -6.57
C TYR A 116 8.89 22.57 -7.97
N ALA A 117 9.98 21.81 -8.23
CA ALA A 117 10.53 21.77 -9.61
C ALA A 117 9.57 21.14 -10.64
N ALA A 118 8.82 20.13 -10.18
CA ALA A 118 7.84 19.49 -11.11
C ALA A 118 6.83 18.80 -10.21
N GLU A 119 5.86 18.21 -10.92
CA GLU A 119 4.77 17.50 -10.18
C GLU A 119 4.30 16.32 -11.08
N LEU A 120 4.41 15.16 -10.51
CA LEU A 120 3.94 13.93 -11.16
C LEU A 120 2.46 13.67 -10.81
N HIS A 121 1.70 13.33 -11.83
CA HIS A 121 0.28 12.95 -11.61
C HIS A 121 0.06 11.53 -12.06
N VAL A 122 -0.56 10.76 -11.13
CA VAL A 122 -0.91 9.33 -11.31
C VAL A 122 -2.43 9.28 -11.41
N VAL A 123 -3.00 8.99 -12.58
CA VAL A 123 -4.44 9.17 -12.82
C VAL A 123 -5.12 7.77 -12.77
N HIS A 124 -6.22 7.75 -11.98
CA HIS A 124 -6.97 6.48 -11.74
C HIS A 124 -8.44 6.78 -11.94
N TRP A 125 -9.19 5.68 -12.26
CA TRP A 125 -10.67 5.80 -12.42
C TRP A 125 -11.45 4.73 -11.65
N ASN A 126 -12.65 5.17 -11.25
CA ASN A 126 -13.51 4.34 -10.35
C ASN A 126 -14.19 3.21 -11.21
N SER A 127 -13.55 2.02 -11.23
CA SER A 127 -14.14 0.88 -11.95
C SER A 127 -15.18 0.18 -11.10
N ASP A 128 -15.34 0.49 -9.83
CA ASP A 128 -16.42 -0.14 -9.02
C ASP A 128 -17.73 0.53 -9.39
N LYS A 129 -17.77 1.70 -9.97
CA LYS A 129 -19.03 2.36 -10.29
C LYS A 129 -19.23 2.59 -11.75
N TYR A 130 -18.13 2.65 -12.54
CA TYR A 130 -18.17 3.00 -13.94
C TYR A 130 -17.52 2.01 -14.77
N PRO A 131 -17.96 1.91 -16.05
CA PRO A 131 -17.50 0.80 -16.85
C PRO A 131 -16.14 1.12 -17.60
N SER A 132 -15.81 2.43 -17.62
CA SER A 132 -14.64 2.80 -18.41
C SER A 132 -14.20 4.14 -17.84
N PHE A 133 -12.91 4.44 -18.16
CA PHE A 133 -12.36 5.76 -17.85
C PHE A 133 -13.18 6.92 -18.42
N VAL A 134 -13.63 6.77 -19.69
CA VAL A 134 -14.33 7.86 -20.31
C VAL A 134 -15.62 8.20 -19.57
N GLU A 135 -16.35 7.16 -19.06
CA GLU A 135 -17.53 7.47 -18.26
C GLU A 135 -17.26 8.08 -16.88
N ALA A 136 -16.24 7.48 -16.26
CA ALA A 136 -15.81 7.98 -14.95
C ALA A 136 -15.34 9.49 -15.00
N ALA A 137 -14.75 9.85 -16.09
CA ALA A 137 -14.20 11.20 -16.20
C ALA A 137 -15.23 12.33 -16.13
N HIS A 138 -16.51 11.95 -16.23
CA HIS A 138 -17.60 12.91 -16.18
C HIS A 138 -18.40 12.87 -14.96
N GLU A 139 -17.92 12.26 -13.85
CA GLU A 139 -18.64 12.21 -12.69
C GLU A 139 -17.85 12.67 -11.49
N PRO A 140 -18.46 13.22 -10.47
CA PRO A 140 -17.67 13.85 -9.38
C PRO A 140 -16.78 12.87 -8.65
N ASP A 141 -17.18 11.61 -8.59
CA ASP A 141 -16.48 10.55 -7.89
C ASP A 141 -15.72 9.68 -8.88
N GLY A 142 -15.56 10.14 -10.12
CA GLY A 142 -15.07 9.25 -11.13
C GLY A 142 -13.52 9.00 -11.11
N LEU A 143 -12.75 10.10 -10.86
CA LEU A 143 -11.29 9.96 -11.03
C LEU A 143 -10.66 10.29 -9.68
N ALA A 144 -9.40 9.70 -9.54
CA ALA A 144 -8.53 10.03 -8.36
C ALA A 144 -7.17 10.26 -8.94
N VAL A 145 -6.53 11.38 -8.53
CA VAL A 145 -5.16 11.66 -8.99
C VAL A 145 -4.29 11.80 -7.75
N LEU A 146 -3.22 10.99 -7.80
CA LEU A 146 -2.14 11.12 -6.83
C LEU A 146 -1.09 12.09 -7.32
N GLY A 147 -0.85 13.19 -6.62
CA GLY A 147 0.16 14.14 -7.06
C GLY A 147 1.38 13.98 -6.20
N VAL A 148 2.56 13.96 -6.83
CA VAL A 148 3.82 13.82 -6.15
C VAL A 148 4.72 14.96 -6.61
N PHE A 149 5.26 15.75 -5.67
CA PHE A 149 6.21 16.81 -6.01
C PHE A 149 7.54 16.23 -6.29
N LEU A 150 8.26 16.93 -7.18
CA LEU A 150 9.73 16.64 -7.46
C LEU A 150 10.53 17.85 -7.05
N GLN A 151 11.62 17.65 -6.32
CA GLN A 151 12.59 18.69 -6.00
C GLN A 151 13.92 18.30 -6.60
N ILE A 152 14.80 19.27 -6.89
CA ILE A 152 16.11 18.95 -7.46
C ILE A 152 17.00 18.29 -6.38
N GLY A 153 17.59 17.17 -6.77
CA GLY A 153 18.49 16.51 -5.81
C GLY A 153 19.21 15.48 -6.57
N GLU A 154 19.42 14.34 -5.94
CA GLU A 154 20.17 13.30 -6.58
C GLU A 154 19.38 12.77 -7.79
N PRO A 155 20.01 12.25 -8.80
CA PRO A 155 19.31 11.69 -9.94
C PRO A 155 18.45 10.57 -9.41
N ASN A 156 17.34 10.36 -10.12
CA ASN A 156 16.38 9.31 -9.75
C ASN A 156 16.49 8.16 -10.75
N SER A 157 16.88 6.98 -10.23
CA SER A 157 17.09 5.85 -11.18
C SER A 157 15.84 5.41 -11.89
N GLN A 158 14.67 5.47 -11.25
N GLN A 158 14.71 5.56 -11.27
CA GLN A 158 13.42 5.10 -12.00
CA GLN A 158 13.47 5.19 -11.91
C GLN A 158 13.10 6.16 -13.05
C GLN A 158 12.99 6.20 -12.96
N LEU A 159 13.25 7.45 -12.70
CA LEU A 159 13.02 8.49 -13.72
C LEU A 159 14.00 8.48 -14.87
N GLN A 160 15.20 7.96 -14.66
CA GLN A 160 16.17 7.84 -15.71
C GLN A 160 15.61 6.89 -16.81
N LYS A 161 14.82 5.87 -16.44
N LYS A 161 14.83 5.88 -16.44
CA LYS A 161 14.20 5.01 -17.44
CA LYS A 161 14.18 5.04 -17.43
C LYS A 161 13.30 5.84 -18.40
C LYS A 161 13.31 5.84 -18.40
N ILE A 162 12.57 6.81 -17.83
CA ILE A 162 11.75 7.71 -18.65
C ILE A 162 12.57 8.65 -19.46
N THR A 163 13.58 9.28 -18.84
CA THR A 163 14.39 10.21 -19.59
C THR A 163 15.14 9.54 -20.73
N ASP A 164 15.50 8.27 -20.55
CA ASP A 164 16.19 7.54 -21.62
C ASP A 164 15.37 7.34 -22.86
N THR A 165 14.05 7.46 -22.79
CA THR A 165 13.13 7.27 -23.91
C THR A 165 12.85 8.55 -24.63
N LEU A 166 13.16 9.69 -24.05
CA LEU A 166 12.61 10.91 -24.60
C LEU A 166 13.09 11.23 -26.05
N ASP A 167 14.33 10.92 -26.33
CA ASP A 167 14.81 11.19 -27.72
C ASP A 167 13.90 10.47 -28.70
N SER A 168 13.37 9.31 -28.36
CA SER A 168 12.54 8.55 -29.29
C SER A 168 11.11 9.05 -29.44
N ILE A 169 10.66 9.97 -28.56
CA ILE A 169 9.35 10.56 -28.61
C ILE A 169 9.30 12.12 -28.62
N LYS A 170 10.34 12.70 -29.28
CA LYS A 170 10.49 14.13 -29.22
C LYS A 170 9.32 14.81 -29.90
N GLU A 171 8.87 14.28 -31.04
CA GLU A 171 7.72 14.90 -31.70
C GLU A 171 6.36 14.57 -31.19
N LYS A 172 5.45 15.52 -31.21
CA LYS A 172 4.13 15.27 -30.81
C LYS A 172 3.52 14.07 -31.50
N GLY A 173 2.92 13.18 -30.72
CA GLY A 173 2.25 12.00 -31.30
C GLY A 173 3.13 10.78 -31.30
N LYS A 174 4.43 10.85 -31.12
CA LYS A 174 5.29 9.67 -31.16
C LYS A 174 5.07 8.81 -29.91
N GLN A 175 5.26 7.53 -30.03
CA GLN A 175 5.12 6.54 -28.93
C GLN A 175 6.17 5.53 -29.04
N THR A 176 6.45 4.89 -27.93
CA THR A 176 7.31 3.79 -27.92
C THR A 176 7.02 2.86 -26.76
N ARG A 177 7.36 1.57 -26.86
N ARG A 177 7.58 1.66 -26.75
CA ARG A 177 7.07 0.63 -25.75
CA ARG A 177 7.22 0.68 -25.75
C ARG A 177 7.91 1.03 -24.52
C ARG A 177 7.97 1.01 -24.49
N PHE A 178 7.28 0.76 -23.36
CA PHE A 178 7.82 1.13 -22.05
C PHE A 178 7.11 0.28 -21.00
N THR A 179 7.93 -0.55 -20.36
CA THR A 179 7.28 -1.43 -19.32
C THR A 179 8.26 -1.66 -18.23
N ASN A 180 7.95 -2.50 -17.23
N ASN A 180 7.75 -2.46 -17.27
CA ASN A 180 8.88 -2.66 -16.06
CA ASN A 180 8.45 -2.92 -16.09
C ASN A 180 9.10 -1.31 -15.35
C ASN A 180 8.90 -1.66 -15.31
N PHE A 181 7.97 -0.71 -14.99
CA PHE A 181 8.14 0.55 -14.34
C PHE A 181 7.56 0.46 -12.91
N ASP A 182 8.52 0.55 -11.94
CA ASP A 182 8.10 0.25 -10.52
C ASP A 182 7.67 1.55 -9.83
N LEU A 183 6.42 1.89 -10.20
CA LEU A 183 5.80 3.11 -9.73
C LEU A 183 5.69 3.16 -8.22
N LEU A 184 5.41 1.97 -7.62
CA LEU A 184 5.34 1.95 -6.17
C LEU A 184 6.62 2.39 -5.52
N SER A 185 7.77 1.93 -6.04
N SER A 185 7.76 1.91 -6.03
CA SER A 185 9.07 2.32 -5.46
CA SER A 185 9.01 2.30 -5.44
C SER A 185 9.46 3.75 -5.79
C SER A 185 9.35 3.75 -5.70
N LEU A 186 8.81 4.39 -6.73
CA LEU A 186 9.10 5.78 -7.04
C LEU A 186 8.49 6.71 -5.96
N LEU A 187 7.39 6.30 -5.30
CA LEU A 187 6.79 7.18 -4.29
C LEU A 187 7.69 7.45 -3.10
N PRO A 188 7.53 8.62 -2.46
CA PRO A 188 8.39 9.00 -1.34
C PRO A 188 8.18 8.09 -0.12
N PRO A 189 9.06 8.16 0.84
CA PRO A 189 8.91 7.32 2.02
C PRO A 189 7.63 7.61 2.76
N SER A 190 7.17 8.88 2.95
CA SER A 190 5.95 9.11 3.68
C SER A 190 4.83 9.29 2.67
N TRP A 191 3.67 8.72 2.97
CA TRP A 191 2.45 8.88 2.12
C TRP A 191 1.42 9.73 2.84
N ASP A 192 1.90 10.58 3.71
CA ASP A 192 0.97 11.55 4.31
C ASP A 192 0.51 12.56 3.18
N TYR A 193 -0.78 12.91 3.20
CA TYR A 193 -1.34 13.67 2.09
C TYR A 193 -2.38 14.72 2.44
N TRP A 194 -2.63 15.64 1.55
CA TRP A 194 -3.77 16.51 1.55
C TRP A 194 -4.73 16.08 0.54
N THR A 195 -6.02 16.35 0.71
CA THR A 195 -7.01 16.00 -0.27
C THR A 195 -8.12 16.99 -0.42
N TYR A 196 -8.63 17.15 -1.59
CA TYR A 196 -9.78 18.08 -1.86
C TYR A 196 -10.42 17.66 -3.13
N PRO A 197 -11.68 18.07 -3.37
CA PRO A 197 -12.36 17.79 -4.59
C PRO A 197 -11.95 18.81 -5.70
N GLY A 198 -11.64 18.36 -6.87
CA GLY A 198 -11.24 19.33 -7.91
C GLY A 198 -11.42 18.82 -9.26
N SER A 199 -10.50 19.15 -10.20
CA SER A 199 -10.67 18.96 -11.59
C SER A 199 -9.45 18.46 -12.32
N LEU A 200 -9.61 18.05 -13.54
CA LEU A 200 -8.45 17.97 -14.44
C LEU A 200 -7.81 19.36 -14.49
N THR A 201 -6.45 19.34 -14.54
CA THR A 201 -5.70 20.62 -14.69
C THR A 201 -5.39 20.96 -16.13
N VAL A 202 -5.91 20.18 -17.09
CA VAL A 202 -5.85 20.47 -18.52
C VAL A 202 -7.24 20.40 -19.10
N PRO A 203 -7.51 21.10 -20.21
CA PRO A 203 -8.77 20.90 -20.94
C PRO A 203 -8.97 19.38 -21.16
N PRO A 204 -10.21 18.86 -20.92
CA PRO A 204 -11.43 19.59 -20.75
C PRO A 204 -11.81 20.07 -19.37
N LEU A 205 -10.88 19.99 -18.36
CA LEU A 205 -11.03 20.64 -17.15
C LEU A 205 -12.24 20.20 -16.28
N LEU A 206 -12.60 18.91 -16.54
CA LEU A 206 -13.81 18.33 -15.90
C LEU A 206 -13.66 18.23 -14.37
N GLU A 207 -14.68 18.52 -13.60
CA GLU A 207 -14.66 18.53 -12.16
C GLU A 207 -15.04 17.16 -11.63
N SER A 208 -14.11 16.23 -11.83
CA SER A 208 -14.32 14.78 -11.60
C SER A 208 -13.22 14.20 -10.77
N VAL A 209 -12.35 15.04 -10.20
CA VAL A 209 -11.18 14.45 -9.55
C VAL A 209 -11.13 14.61 -8.08
N THR A 210 -10.88 13.47 -7.35
CA THR A 210 -10.52 13.53 -5.96
C THR A 210 -8.97 13.64 -5.95
N TRP A 211 -8.50 14.80 -5.56
CA TRP A 211 -7.03 15.03 -5.52
C TRP A 211 -6.46 14.48 -4.23
N ILE A 212 -5.30 13.83 -4.32
CA ILE A 212 -4.57 13.28 -3.21
C ILE A 212 -3.11 13.78 -3.42
N VAL A 213 -2.68 14.77 -2.65
CA VAL A 213 -1.33 15.39 -2.92
C VAL A 213 -0.41 14.99 -1.84
N LEU A 214 0.65 14.25 -2.07
CA LEU A 214 1.59 13.90 -1.03
C LEU A 214 2.42 15.05 -0.61
N LYS A 215 2.62 15.13 0.74
CA LYS A 215 3.43 16.23 1.27
C LYS A 215 4.94 16.07 0.88
N GLN A 216 5.46 14.88 0.94
CA GLN A 216 6.91 14.70 0.83
C GLN A 216 7.33 14.65 -0.65
N PRO A 217 8.23 15.53 -1.11
CA PRO A 217 8.68 15.41 -2.50
C PRO A 217 9.65 14.24 -2.71
N ILE A 218 9.80 13.83 -3.97
CA ILE A 218 10.88 12.95 -4.45
C ILE A 218 11.92 13.75 -5.16
N ASN A 219 13.14 13.26 -5.36
N ASN A 219 13.01 13.05 -5.50
CA ASN A 219 14.17 14.06 -6.00
CA ASN A 219 14.16 13.70 -6.14
C ASN A 219 14.35 13.63 -7.45
C ASN A 219 14.25 13.55 -7.63
N ILE A 220 14.83 14.58 -8.27
CA ILE A 220 15.22 14.43 -9.65
C ILE A 220 16.47 15.32 -9.88
N SER A 221 17.36 14.90 -10.80
CA SER A 221 18.48 15.86 -10.99
C SER A 221 18.05 16.99 -11.91
N SER A 222 18.80 18.08 -11.90
N SER A 222 18.80 18.11 -11.88
CA SER A 222 18.46 19.13 -12.81
CA SER A 222 18.49 19.18 -12.83
C SER A 222 18.63 18.71 -14.28
C SER A 222 18.62 18.73 -14.27
N GLN A 223 19.64 17.87 -14.57
CA GLN A 223 19.80 17.41 -15.94
C GLN A 223 18.66 16.47 -16.40
N GLN A 224 18.19 15.61 -15.49
CA GLN A 224 17.04 14.80 -15.90
C GLN A 224 15.83 15.65 -16.14
N LEU A 225 15.56 16.62 -15.25
CA LEU A 225 14.35 17.44 -15.46
C LEU A 225 14.43 18.21 -16.78
N ALA A 226 15.66 18.72 -17.09
CA ALA A 226 15.77 19.51 -18.30
C ALA A 226 15.48 18.72 -19.53
N LYS A 227 15.67 17.39 -19.56
N LYS A 227 15.67 17.39 -19.56
CA LYS A 227 15.38 16.62 -20.75
CA LYS A 227 15.36 16.57 -20.72
C LYS A 227 13.91 16.75 -21.13
C LYS A 227 13.91 16.75 -21.13
N PHE A 228 13.01 16.90 -20.15
CA PHE A 228 11.59 16.97 -20.48
C PHE A 228 11.28 18.18 -21.32
N ARG A 229 12.02 19.29 -21.15
CA ARG A 229 11.76 20.52 -21.86
C ARG A 229 12.10 20.48 -23.30
N SER A 230 12.81 19.43 -23.69
N SER A 230 12.80 19.44 -23.70
CA SER A 230 13.19 19.18 -25.10
CA SER A 230 13.18 19.24 -25.12
C SER A 230 12.17 18.37 -25.87
C SER A 230 12.03 18.59 -25.91
N LEU A 231 11.02 18.01 -25.24
CA LEU A 231 9.88 17.51 -26.04
C LEU A 231 9.28 18.65 -26.81
N LEU A 232 8.73 18.34 -27.98
CA LEU A 232 8.04 19.39 -28.78
C LEU A 232 6.57 19.37 -28.50
N CYS A 233 5.92 20.52 -28.60
CA CYS A 233 4.46 20.66 -28.53
C CYS A 233 3.88 20.68 -29.94
N THR A 234 4.75 20.55 -30.91
CA THR A 234 4.39 20.51 -32.33
C THR A 234 4.72 19.11 -32.92
N ALA A 235 3.96 18.74 -33.96
CA ALA A 235 4.05 17.46 -34.65
C ALA A 235 5.13 17.45 -35.71
N GLU A 236 5.52 16.27 -36.18
CA GLU A 236 6.42 16.22 -37.36
C GLU A 236 5.88 17.09 -38.49
N GLY A 237 6.76 17.90 -39.08
CA GLY A 237 6.40 18.66 -40.27
C GLY A 237 5.88 20.07 -40.01
N GLU A 238 5.70 20.43 -38.73
CA GLU A 238 5.11 21.72 -38.31
C GLU A 238 6.30 22.55 -37.76
N ALA A 239 6.23 23.88 -37.72
CA ALA A 239 7.39 24.63 -37.17
C ALA A 239 7.61 24.25 -35.68
N ALA A 240 8.85 23.89 -35.32
CA ALA A 240 9.13 23.35 -33.93
C ALA A 240 8.89 24.37 -32.84
N ALA A 241 8.24 23.92 -31.78
CA ALA A 241 8.19 24.73 -30.56
C ALA A 241 8.30 23.72 -29.42
N PHE A 242 9.00 24.12 -28.38
CA PHE A 242 9.39 23.24 -27.27
C PHE A 242 8.46 23.43 -26.11
N LEU A 243 8.21 22.24 -25.46
CA LEU A 243 7.36 22.24 -24.24
C LEU A 243 8.18 22.59 -23.03
N VAL A 244 8.58 23.84 -22.94
CA VAL A 244 9.51 24.21 -21.84
C VAL A 244 8.81 24.37 -20.49
N SER A 245 7.44 24.47 -20.56
CA SER A 245 6.64 24.70 -19.37
C SER A 245 5.26 24.22 -19.65
N ASN A 246 4.66 23.54 -18.65
CA ASN A 246 3.31 22.90 -18.93
C ASN A 246 2.59 22.81 -17.59
N HIS A 247 2.56 23.85 -16.79
CA HIS A 247 1.78 23.85 -15.52
C HIS A 247 0.78 24.93 -15.48
N ARG A 248 -0.38 24.63 -14.86
CA ARG A 248 -1.48 25.59 -14.83
C ARG A 248 -1.34 26.32 -13.52
N PRO A 249 -1.66 27.66 -13.52
CA PRO A 249 -1.62 28.35 -12.26
C PRO A 249 -2.64 27.87 -11.25
N PRO A 250 -2.45 28.18 -9.99
CA PRO A 250 -3.49 27.82 -8.95
C PRO A 250 -4.81 28.55 -9.20
N GLN A 251 -5.92 27.90 -8.82
CA GLN A 251 -7.28 28.38 -9.10
C GLN A 251 -7.96 28.63 -7.77
N PRO A 252 -8.98 29.51 -7.78
CA PRO A 252 -9.62 29.82 -6.53
C PRO A 252 -10.27 28.63 -5.74
N LEU A 253 -10.04 28.68 -4.45
CA LEU A 253 -10.54 27.60 -3.58
C LEU A 253 -12.06 27.52 -3.51
N LYS A 254 -12.68 28.70 -3.56
CA LYS A 254 -14.12 28.78 -3.64
C LYS A 254 -14.86 27.97 -2.47
N GLY A 255 -14.29 27.99 -1.31
CA GLY A 255 -15.05 27.42 -0.16
C GLY A 255 -14.87 25.93 0.06
N ARG A 256 -14.09 25.28 -0.83
CA ARG A 256 -13.77 23.84 -0.61
C ARG A 256 -12.94 23.65 0.64
N LYS A 257 -13.07 22.45 1.26
CA LYS A 257 -12.31 22.07 2.41
C LYS A 257 -11.12 21.22 1.90
N VAL A 258 -9.95 21.67 2.28
CA VAL A 258 -8.75 20.83 2.04
C VAL A 258 -8.51 20.15 3.35
N ARG A 259 -8.34 18.83 3.31
CA ARG A 259 -8.20 18.01 4.53
C ARG A 259 -6.79 17.40 4.55
N ALA A 260 -6.27 17.14 5.68
CA ALA A 260 -4.96 16.50 5.91
C ALA A 260 -5.14 15.18 6.50
N SER A 261 -4.38 14.18 6.07
CA SER A 261 -4.37 12.81 6.64
C SER A 261 -3.53 12.71 7.93
N PHE A 262 -2.85 13.76 8.36
CA PHE A 262 -1.82 13.73 9.35
C PHE A 262 -1.92 15.07 10.09
N HIS A 263 -1.29 15.12 11.26
CA HIS A 263 -1.12 16.40 12.02
C HIS A 263 0.05 16.24 12.95
N SER B 6 9.26 -30.84 19.57
CA SER B 6 7.97 -31.61 19.73
C SER B 6 6.71 -30.83 20.11
N TRP B 7 6.76 -29.50 20.29
CA TRP B 7 5.52 -28.76 20.65
C TRP B 7 4.48 -28.81 19.55
N GLY B 8 3.19 -28.70 19.94
CA GLY B 8 2.15 -28.57 18.87
C GLY B 8 0.90 -28.16 19.55
N TYR B 9 -0.25 -28.73 19.02
CA TYR B 9 -1.54 -28.32 19.58
C TYR B 9 -2.39 -29.54 19.90
N ARG B 10 -1.72 -30.70 19.97
CA ARG B 10 -2.46 -31.95 20.45
C ARG B 10 -2.54 -31.97 22.00
N GLU B 11 -3.25 -32.98 22.56
CA GLU B 11 -3.38 -33.07 23.99
C GLU B 11 -2.06 -33.01 24.79
N HIS B 12 -1.11 -33.75 24.25
N HIS B 12 -1.09 -33.76 24.35
CA HIS B 12 0.17 -34.12 24.89
CA HIS B 12 0.11 -33.93 25.17
C HIS B 12 1.32 -33.17 24.62
C HIS B 12 1.15 -32.86 24.92
N ASN B 13 1.06 -32.20 23.75
CA ASN B 13 2.16 -31.22 23.33
C ASN B 13 1.54 -29.78 23.17
N GLY B 14 0.30 -29.58 23.56
CA GLY B 14 -0.40 -28.30 23.23
C GLY B 14 -0.09 -27.19 24.17
N PRO B 15 -0.74 -26.03 24.02
CA PRO B 15 -0.52 -24.83 24.82
C PRO B 15 -0.29 -24.94 26.33
N ILE B 16 -1.14 -25.76 27.00
CA ILE B 16 -1.01 -25.92 28.47
C ILE B 16 0.30 -26.61 28.82
N HIS B 17 0.97 -27.29 27.90
CA HIS B 17 2.26 -27.90 28.14
C HIS B 17 3.46 -27.06 27.77
N TRP B 18 3.27 -25.92 27.05
CA TRP B 18 4.45 -25.29 26.48
C TRP B 18 5.42 -24.76 27.59
N LYS B 19 4.83 -24.40 28.72
CA LYS B 19 5.61 -23.87 29.92
C LYS B 19 6.70 -24.90 30.35
N GLU B 20 6.50 -26.16 30.02
CA GLU B 20 7.49 -27.22 30.35
C GLU B 20 8.78 -27.13 29.57
N PHE B 21 8.72 -26.59 28.39
CA PHE B 21 9.97 -26.41 27.67
C PHE B 21 10.29 -24.92 27.48
N PHE B 22 9.30 -24.07 27.64
CA PHE B 22 9.43 -22.62 27.29
C PHE B 22 8.84 -21.89 28.44
N PRO B 23 9.67 -21.76 29.47
CA PRO B 23 9.24 -21.12 30.65
C PRO B 23 8.67 -19.70 30.49
N ILE B 24 9.20 -18.97 29.50
CA ILE B 24 8.57 -17.62 29.23
C ILE B 24 6.98 -17.66 28.94
N ALA B 25 6.49 -18.90 28.75
CA ALA B 25 5.04 -19.05 28.60
C ALA B 25 4.17 -18.36 29.61
N ASP B 26 4.68 -18.29 30.92
CA ASP B 26 3.92 -17.64 31.99
C ASP B 26 4.50 -16.26 32.33
N GLY B 27 5.16 -15.63 31.34
CA GLY B 27 5.72 -14.31 31.47
C GLY B 27 4.75 -13.15 31.60
N ASP B 28 5.33 -11.98 31.70
CA ASP B 28 4.56 -10.79 31.88
C ASP B 28 4.13 -10.07 30.63
N GLN B 29 4.67 -10.53 29.46
CA GLN B 29 4.32 -9.81 28.19
C GLN B 29 3.93 -10.86 27.15
N GLN B 30 3.06 -11.79 27.49
CA GLN B 30 2.67 -12.91 26.59
C GLN B 30 1.50 -12.53 25.74
N SER B 31 1.43 -13.19 24.57
CA SER B 31 0.32 -12.94 23.65
C SER B 31 -0.25 -14.30 23.28
N PRO B 32 -1.48 -14.32 22.77
CA PRO B 32 -2.38 -13.21 22.53
C PRO B 32 -3.05 -12.74 23.86
N ILE B 33 -3.93 -11.76 23.76
CA ILE B 33 -4.61 -11.20 24.97
C ILE B 33 -6.05 -11.04 24.59
N GLU B 34 -6.82 -10.77 25.69
CA GLU B 34 -8.16 -10.20 25.54
C GLU B 34 -8.08 -8.69 25.54
N ILE B 35 -8.83 -8.03 24.66
CA ILE B 35 -8.91 -6.56 24.53
C ILE B 35 -10.30 -6.16 25.12
N LYS B 36 -10.24 -5.40 26.22
CA LYS B 36 -11.43 -4.81 26.88
C LYS B 36 -11.52 -3.36 26.36
N THR B 37 -12.35 -3.09 25.38
CA THR B 37 -12.35 -1.81 24.70
C THR B 37 -12.70 -0.68 25.67
N LYS B 38 -13.53 -0.93 26.69
CA LYS B 38 -13.92 0.17 27.58
C LYS B 38 -12.69 0.71 28.28
N GLU B 39 -11.67 -0.13 28.39
CA GLU B 39 -10.42 0.24 29.01
C GLU B 39 -9.29 0.76 28.15
N VAL B 40 -9.51 0.85 26.84
CA VAL B 40 -8.42 1.20 25.91
C VAL B 40 -8.47 2.71 25.70
N LYS B 41 -7.31 3.36 25.66
CA LYS B 41 -7.30 4.79 25.37
C LYS B 41 -6.82 5.06 23.97
N TYR B 42 -7.56 5.89 23.23
CA TYR B 42 -7.07 6.45 21.95
C TYR B 42 -5.77 7.20 22.29
N ASP B 43 -4.75 6.98 21.48
CA ASP B 43 -3.48 7.67 21.52
C ASP B 43 -3.24 8.51 20.27
N SER B 44 -3.38 9.84 20.39
CA SER B 44 -3.16 10.74 19.25
C SER B 44 -1.73 10.84 18.78
N SER B 45 -0.77 10.33 19.57
CA SER B 45 0.62 10.34 19.16
C SER B 45 0.95 9.26 18.12
N LEU B 46 0.08 8.29 17.94
CA LEU B 46 0.36 7.24 16.97
C LEU B 46 0.40 7.83 15.55
N ARG B 47 1.38 7.52 14.73
CA ARG B 47 1.42 8.11 13.39
C ARG B 47 0.62 7.32 12.39
N PRO B 48 0.26 7.87 11.24
CA PRO B 48 -0.44 7.02 10.31
C PRO B 48 0.33 5.73 10.06
N LEU B 49 -0.42 4.64 9.87
CA LEU B 49 0.26 3.38 9.39
C LEU B 49 0.60 3.44 7.95
N SER B 50 1.73 2.89 7.57
CA SER B 50 2.21 2.94 6.23
C SER B 50 2.51 1.50 5.85
N ILE B 51 1.81 1.01 4.82
CA ILE B 51 2.07 -0.35 4.41
C ILE B 51 2.45 -0.38 2.91
N LYS B 52 3.73 -0.66 2.63
CA LYS B 52 4.21 -0.74 1.27
C LYS B 52 4.54 -2.16 1.04
N TYR B 53 3.75 -2.84 0.19
N TYR B 53 3.83 -2.71 0.05
CA TYR B 53 3.99 -4.27 -0.12
CA TYR B 53 3.87 -4.13 -0.19
C TYR B 53 4.03 -4.53 -1.61
C TYR B 53 4.09 -4.41 -1.67
N ASP B 54 5.07 -5.25 -1.96
CA ASP B 54 5.37 -5.65 -3.34
C ASP B 54 5.08 -7.13 -3.54
N PRO B 55 4.13 -7.47 -4.36
CA PRO B 55 3.80 -8.88 -4.56
C PRO B 55 4.96 -9.79 -4.97
N SER B 56 5.98 -9.29 -5.64
N SER B 56 5.95 -9.21 -5.61
CA SER B 56 7.18 -10.09 -5.95
CA SER B 56 7.08 -9.97 -6.01
C SER B 56 8.06 -10.35 -4.74
C SER B 56 7.91 -10.51 -4.90
N SER B 57 7.73 -9.74 -3.60
N SER B 57 7.82 -9.92 -3.69
CA SER B 57 8.49 -10.01 -2.39
CA SER B 57 8.66 -10.33 -2.57
C SER B 57 8.24 -11.44 -1.86
C SER B 57 8.30 -11.67 -1.98
N ALA B 58 7.09 -12.06 -2.20
CA ALA B 58 6.71 -13.41 -1.74
C ALA B 58 7.56 -14.42 -2.52
N LYS B 59 8.03 -15.43 -1.85
CA LYS B 59 8.86 -16.48 -2.50
C LYS B 59 8.30 -17.88 -2.44
N ILE B 60 7.97 -18.40 -1.24
N ILE B 60 7.82 -18.31 -1.28
CA ILE B 60 7.56 -19.81 -1.09
CA ILE B 60 7.66 -19.72 -1.00
C ILE B 60 6.44 -19.91 -0.06
C ILE B 60 6.36 -19.80 -0.15
N ILE B 61 5.60 -20.92 -0.22
CA ILE B 61 4.63 -21.29 0.84
C ILE B 61 5.01 -22.69 1.33
N SER B 62 4.95 -22.92 2.61
CA SER B 62 5.26 -24.20 3.13
C SER B 62 4.39 -24.60 4.25
N ASN B 63 4.37 -25.91 4.59
CA ASN B 63 3.67 -26.39 5.77
C ASN B 63 4.72 -26.59 6.89
N SER B 64 4.72 -25.80 7.90
CA SER B 64 5.71 -25.92 9.00
C SER B 64 5.27 -26.96 10.00
N GLY B 65 4.08 -27.56 9.78
CA GLY B 65 3.51 -28.47 10.83
C GLY B 65 2.61 -27.76 11.82
N HIS B 66 2.68 -26.41 11.87
CA HIS B 66 1.94 -25.62 12.82
C HIS B 66 1.05 -24.61 12.16
N SER B 67 1.23 -24.38 10.86
CA SER B 67 0.41 -23.54 10.02
C SER B 67 0.98 -23.63 8.58
N PHE B 68 0.43 -22.89 7.64
CA PHE B 68 1.18 -22.63 6.40
C PHE B 68 1.95 -21.39 6.73
N ASN B 69 3.07 -21.28 6.01
CA ASN B 69 3.90 -20.02 6.08
C ASN B 69 4.23 -19.55 4.69
N VAL B 70 3.82 -18.35 4.34
CA VAL B 70 4.33 -17.62 3.14
C VAL B 70 5.54 -16.84 3.51
N ASP B 71 6.66 -17.12 2.88
CA ASP B 71 7.96 -16.44 3.30
C ASP B 71 8.33 -15.46 2.20
N PHE B 72 8.85 -14.34 2.69
CA PHE B 72 9.22 -13.20 1.78
C PHE B 72 10.69 -12.94 1.86
N ASP B 73 11.21 -12.43 0.76
N ASP B 73 11.14 -11.98 0.99
CA ASP B 73 12.59 -11.99 0.74
CA ASP B 73 12.54 -11.46 0.94
C ASP B 73 13.13 -11.27 2.09
C ASP B 73 13.21 -11.04 2.27
N ASP B 74 14.30 -11.68 2.59
CA ASP B 74 14.93 -11.36 3.86
C ASP B 74 15.82 -10.10 3.82
N THR B 75 16.23 -9.63 2.64
CA THR B 75 17.25 -8.54 2.53
C THR B 75 16.89 -7.31 1.70
N GLU B 76 15.67 -7.04 1.31
CA GLU B 76 15.27 -5.94 0.61
C GLU B 76 14.19 -5.11 1.33
N ASN B 77 14.07 -3.83 1.08
CA ASN B 77 13.00 -2.98 1.63
C ASN B 77 11.85 -2.66 0.68
N LYS B 78 11.58 -3.63 -0.21
N LYS B 78 11.55 -3.59 -0.23
CA LYS B 78 10.44 -3.53 -1.13
CA LYS B 78 10.39 -3.36 -1.11
C LYS B 78 9.06 -3.65 -0.43
C LYS B 78 9.05 -3.53 -0.33
N SER B 79 9.06 -4.44 0.69
CA SER B 79 7.81 -4.68 1.46
C SER B 79 8.11 -4.36 2.89
N VAL B 80 7.57 -3.27 3.39
CA VAL B 80 7.88 -2.75 4.75
C VAL B 80 6.64 -2.11 5.39
N LEU B 81 6.65 -2.20 6.74
CA LEU B 81 5.62 -1.62 7.60
C LEU B 81 6.30 -0.52 8.39
N ARG B 82 5.66 0.67 8.32
CA ARG B 82 6.15 1.83 9.07
C ARG B 82 5.02 2.56 9.70
N GLY B 83 5.33 3.50 10.58
CA GLY B 83 4.27 4.29 11.14
C GLY B 83 3.59 3.59 12.26
N GLY B 84 2.36 4.04 12.52
CA GLY B 84 1.71 3.56 13.75
C GLY B 84 2.52 3.78 15.04
N PRO B 85 2.70 2.73 15.82
CA PRO B 85 3.51 2.75 17.05
C PRO B 85 5.02 2.58 16.77
N LEU B 86 5.42 2.32 15.50
CA LEU B 86 6.76 1.83 15.28
C LEU B 86 7.79 2.96 15.06
N THR B 87 8.96 2.68 15.56
CA THR B 87 10.11 3.54 15.17
C THR B 87 10.97 2.87 14.06
N GLY B 88 11.10 3.46 12.89
CA GLY B 88 11.89 2.87 11.80
C GLY B 88 11.10 1.89 10.93
N SER B 89 11.81 1.10 10.20
CA SER B 89 11.20 0.36 9.10
C SER B 89 11.31 -1.15 9.48
N TYR B 90 10.12 -1.79 9.41
CA TYR B 90 10.05 -3.24 9.73
C TYR B 90 9.75 -4.00 8.49
N ARG B 91 10.65 -4.91 8.16
CA ARG B 91 10.63 -5.62 6.92
C ARG B 91 9.68 -6.81 6.96
N LEU B 92 8.86 -6.97 5.93
CA LEU B 92 7.95 -8.14 5.91
C LEU B 92 8.70 -9.43 5.80
N ARG B 93 8.30 -10.42 6.55
N ARG B 93 8.48 -10.36 6.74
CA ARG B 93 9.03 -11.68 6.53
CA ARG B 93 9.09 -11.67 6.82
C ARG B 93 8.17 -12.92 6.34
C ARG B 93 8.15 -12.83 6.33
N GLN B 94 6.93 -12.94 6.88
N GLN B 94 6.95 -12.93 6.96
CA GLN B 94 6.10 -14.11 6.69
CA GLN B 94 6.22 -14.22 7.06
C GLN B 94 4.66 -13.75 6.98
C GLN B 94 4.73 -13.88 7.17
N VAL B 95 3.86 -14.60 6.44
CA VAL B 95 2.36 -14.58 6.74
C VAL B 95 1.94 -16.00 7.09
N HIS B 96 1.08 -16.14 8.14
CA HIS B 96 0.53 -17.46 8.48
C HIS B 96 -0.83 -17.17 9.07
N LEU B 97 -1.48 -18.31 9.46
CA LEU B 97 -2.89 -18.24 9.91
C LEU B 97 -3.11 -19.21 11.09
N HIS B 98 -4.04 -18.77 11.96
CA HIS B 98 -4.45 -19.59 13.12
C HIS B 98 -5.99 -19.82 12.99
N TRP B 99 -6.43 -21.03 13.37
CA TRP B 99 -7.88 -21.38 13.29
C TRP B 99 -8.08 -22.34 14.41
N GLY B 100 -9.37 -22.68 14.59
CA GLY B 100 -9.81 -23.68 15.60
C GLY B 100 -10.48 -24.82 14.90
N SER B 101 -10.90 -25.85 15.68
CA SER B 101 -11.51 -27.07 15.09
C SER B 101 -12.95 -26.81 14.68
N ALA B 102 -13.56 -25.76 15.07
CA ALA B 102 -14.87 -25.36 14.53
C ALA B 102 -14.94 -23.88 14.28
N ASP B 103 -15.92 -23.47 13.47
CA ASP B 103 -15.95 -22.03 13.06
C ASP B 103 -16.22 -21.02 14.10
N ASP B 104 -16.76 -21.43 15.24
CA ASP B 104 -17.17 -20.47 16.25
C ASP B 104 -16.06 -19.86 17.07
N HIS B 105 -14.86 -20.42 17.00
CA HIS B 105 -13.77 -19.78 17.74
C HIS B 105 -12.50 -20.33 17.06
N GLY B 106 -11.43 -19.57 17.22
CA GLY B 106 -10.20 -19.94 16.55
C GLY B 106 -9.26 -18.77 16.56
N SER B 107 -9.78 -17.55 16.57
CA SER B 107 -8.84 -16.43 16.66
C SER B 107 -8.00 -16.54 17.94
N GLU B 108 -6.83 -15.85 17.90
CA GLU B 108 -5.94 -15.79 19.10
C GLU B 108 -6.34 -14.67 19.97
N HIS B 109 -6.37 -13.45 19.47
CA HIS B 109 -6.92 -12.30 20.24
C HIS B 109 -8.44 -12.43 20.29
N ILE B 110 -8.97 -11.91 21.41
CA ILE B 110 -10.46 -11.96 21.63
C ILE B 110 -10.83 -10.58 22.12
N VAL B 111 -11.84 -10.01 21.47
N VAL B 111 -11.79 -9.94 21.49
CA VAL B 111 -12.24 -8.59 21.69
CA VAL B 111 -12.07 -8.53 21.87
C VAL B 111 -13.57 -8.46 22.41
C VAL B 111 -13.49 -8.48 22.44
N ASP B 112 -13.54 -8.01 23.66
CA ASP B 112 -14.83 -7.90 24.49
C ASP B 112 -15.53 -9.29 24.40
N GLY B 113 -14.76 -10.38 24.52
CA GLY B 113 -15.31 -11.71 24.62
C GLY B 113 -15.70 -12.30 23.28
N VAL B 114 -15.54 -11.56 22.15
CA VAL B 114 -15.87 -12.06 20.81
C VAL B 114 -14.67 -12.80 20.12
N SER B 115 -14.82 -14.08 19.80
CA SER B 115 -13.80 -14.82 19.00
C SER B 115 -14.29 -14.79 17.57
N TYR B 116 -13.29 -14.82 16.74
CA TYR B 116 -13.54 -14.92 15.26
C TYR B 116 -13.13 -16.29 14.83
N ALA B 117 -13.42 -16.74 13.63
CA ALA B 117 -13.09 -18.05 13.18
C ALA B 117 -11.60 -18.30 13.03
N ALA B 118 -10.88 -17.25 12.67
CA ALA B 118 -9.38 -17.44 12.37
C ALA B 118 -8.76 -16.05 12.53
N GLU B 119 -7.42 -16.11 12.46
CA GLU B 119 -6.63 -14.85 12.63
C GLU B 119 -5.36 -14.98 11.74
N LEU B 120 -5.17 -14.00 10.85
CA LEU B 120 -3.94 -13.93 10.01
C LEU B 120 -2.92 -13.07 10.73
N HIS B 121 -1.68 -13.56 10.67
CA HIS B 121 -0.54 -12.79 11.20
C HIS B 121 0.47 -12.45 10.14
N VAL B 122 0.84 -11.18 10.14
CA VAL B 122 1.81 -10.65 9.14
C VAL B 122 3.02 -10.19 9.94
N VAL B 123 4.10 -10.98 9.83
CA VAL B 123 5.28 -10.83 10.71
C VAL B 123 6.35 -9.97 10.02
N HIS B 124 6.82 -8.95 10.74
CA HIS B 124 7.84 -8.06 10.21
C HIS B 124 8.91 -7.96 11.26
N TRP B 125 10.12 -7.50 10.82
CA TRP B 125 11.23 -7.34 11.79
C TRP B 125 12.08 -6.06 11.52
N ASN B 126 12.71 -5.59 12.60
CA ASN B 126 13.37 -4.28 12.56
C ASN B 126 14.79 -4.39 11.93
N SER B 127 14.83 -4.17 10.65
CA SER B 127 16.11 -4.27 9.86
C SER B 127 16.82 -2.92 9.99
N ASP B 128 16.26 -1.90 10.59
CA ASP B 128 17.03 -0.64 10.79
C ASP B 128 17.97 -0.91 11.94
N LYS B 129 17.76 -1.87 12.80
CA LYS B 129 18.61 -2.11 13.99
C LYS B 129 19.29 -3.43 14.02
N TYR B 130 18.68 -4.48 13.47
CA TYR B 130 19.15 -5.82 13.70
C TYR B 130 19.55 -6.48 12.39
N PRO B 131 20.44 -7.45 12.45
CA PRO B 131 21.01 -8.00 11.24
C PRO B 131 20.20 -9.05 10.58
N SER B 132 19.22 -9.66 11.29
CA SER B 132 18.46 -10.74 10.70
C SER B 132 17.18 -10.83 11.55
N PHE B 133 16.23 -11.54 10.93
CA PHE B 133 14.98 -11.82 11.65
C PHE B 133 15.26 -12.57 12.94
N VAL B 134 16.13 -13.58 12.87
CA VAL B 134 16.35 -14.36 13.97
C VAL B 134 16.95 -13.61 15.16
N GLU B 135 17.85 -12.68 14.80
N GLU B 135 17.81 -12.62 14.90
CA GLU B 135 18.36 -11.83 15.84
CA GLU B 135 18.30 -11.80 15.99
C GLU B 135 17.28 -10.92 16.43
C GLU B 135 17.29 -10.68 16.57
N ALA B 136 16.49 -10.22 15.61
CA ALA B 136 15.44 -9.28 15.97
C ALA B 136 14.34 -9.97 16.87
N ALA B 137 14.15 -11.24 16.68
CA ALA B 137 13.14 -11.93 17.50
C ALA B 137 13.54 -12.03 18.94
N HIS B 138 14.78 -11.67 19.36
CA HIS B 138 15.21 -11.73 20.73
C HIS B 138 15.36 -10.34 21.27
N GLU B 139 14.75 -9.31 20.63
CA GLU B 139 14.89 -7.95 21.13
C GLU B 139 13.52 -7.31 21.38
N PRO B 140 13.31 -6.50 22.40
CA PRO B 140 11.94 -6.00 22.62
C PRO B 140 11.32 -5.24 21.50
N ASP B 141 12.12 -4.45 20.77
CA ASP B 141 11.63 -3.67 19.66
C ASP B 141 11.93 -4.47 18.34
N GLY B 142 12.14 -5.77 18.43
CA GLY B 142 12.61 -6.46 17.24
C GLY B 142 11.53 -6.73 16.16
N LEU B 143 10.29 -7.12 16.61
CA LEU B 143 9.27 -7.68 15.71
C LEU B 143 8.02 -6.78 15.73
N ALA B 144 7.30 -6.77 14.64
CA ALA B 144 5.97 -6.08 14.56
C ALA B 144 5.05 -6.99 13.84
N VAL B 145 3.90 -7.32 14.42
CA VAL B 145 2.95 -8.31 13.79
C VAL B 145 1.64 -7.60 13.58
N LEU B 146 1.10 -7.63 12.38
CA LEU B 146 -0.27 -7.25 12.11
C LEU B 146 -1.13 -8.46 12.31
N GLY B 147 -2.20 -8.30 13.08
CA GLY B 147 -3.25 -9.33 13.25
C GLY B 147 -4.50 -8.94 12.52
N VAL B 148 -5.08 -9.84 11.76
CA VAL B 148 -6.35 -9.55 11.03
C VAL B 148 -7.26 -10.70 11.37
N PHE B 149 -8.46 -10.32 11.88
CA PHE B 149 -9.49 -11.32 12.15
C PHE B 149 -10.19 -11.81 10.92
N LEU B 150 -10.53 -13.08 10.92
CA LEU B 150 -11.41 -13.61 9.84
C LEU B 150 -12.71 -14.10 10.47
N GLN B 151 -13.80 -13.57 9.92
CA GLN B 151 -15.16 -13.95 10.35
C GLN B 151 -15.83 -14.79 9.30
N ILE B 152 -16.63 -15.76 9.73
CA ILE B 152 -17.39 -16.53 8.69
C ILE B 152 -18.32 -15.62 7.92
N GLY B 153 -18.19 -15.66 6.61
CA GLY B 153 -19.00 -14.71 5.73
C GLY B 153 -18.92 -15.30 4.32
N GLU B 154 -19.35 -14.56 3.36
N GLU B 154 -19.11 -14.39 3.37
CA GLU B 154 -19.29 -15.17 2.02
CA GLU B 154 -19.08 -14.77 1.93
C GLU B 154 -17.80 -15.29 1.61
C GLU B 154 -17.65 -15.23 1.59
N PRO B 155 -17.47 -16.21 0.69
CA PRO B 155 -16.05 -16.58 0.40
C PRO B 155 -15.27 -15.38 -0.02
N ASN B 156 -14.01 -15.47 0.33
CA ASN B 156 -13.07 -14.39 0.10
C ASN B 156 -12.14 -14.81 -1.09
N SER B 157 -12.34 -14.14 -2.24
CA SER B 157 -11.51 -14.47 -3.41
C SER B 157 -10.05 -14.20 -3.23
N GLN B 158 -9.69 -13.39 -2.22
CA GLN B 158 -8.24 -13.17 -1.98
C GLN B 158 -7.51 -14.25 -1.28
N LEU B 159 -8.22 -15.25 -0.81
CA LEU B 159 -7.58 -16.45 -0.31
C LEU B 159 -7.29 -17.49 -1.38
N GLN B 160 -7.75 -17.32 -2.63
CA GLN B 160 -7.57 -18.40 -3.62
C GLN B 160 -6.11 -18.81 -3.86
N LYS B 161 -5.25 -17.83 -3.94
CA LYS B 161 -3.84 -18.27 -4.25
C LYS B 161 -3.26 -19.17 -3.15
N ILE B 162 -3.61 -18.86 -1.90
CA ILE B 162 -3.27 -19.75 -0.83
C ILE B 162 -3.96 -21.13 -0.88
N THR B 163 -5.29 -21.10 -0.92
CA THR B 163 -6.04 -22.37 -0.85
C THR B 163 -5.71 -23.30 -2.00
N ASP B 164 -5.38 -22.75 -3.20
CA ASP B 164 -5.00 -23.61 -4.41
C ASP B 164 -3.72 -24.42 -4.10
N THR B 165 -2.90 -23.98 -3.13
CA THR B 165 -1.65 -24.64 -2.91
C THR B 165 -1.68 -25.68 -1.85
N LEU B 166 -2.79 -25.78 -1.07
CA LEU B 166 -2.80 -26.59 0.14
C LEU B 166 -2.59 -28.09 -0.10
N ASP B 167 -3.16 -28.61 -1.20
CA ASP B 167 -2.88 -30.04 -1.50
C ASP B 167 -1.38 -30.30 -1.69
N SER B 168 -0.68 -29.37 -2.34
CA SER B 168 0.75 -29.53 -2.55
C SER B 168 1.58 -29.46 -1.30
N ILE B 169 1.04 -28.87 -0.21
CA ILE B 169 1.80 -28.78 1.02
C ILE B 169 1.09 -29.51 2.13
N LYS B 170 0.33 -30.60 1.77
CA LYS B 170 -0.35 -31.32 2.81
C LYS B 170 0.51 -31.80 3.97
N GLU B 171 1.71 -32.35 3.68
CA GLU B 171 2.56 -32.92 4.73
C GLU B 171 3.51 -31.88 5.28
N LYS B 172 3.78 -31.97 6.56
CA LYS B 172 4.83 -31.13 7.15
C LYS B 172 6.12 -31.20 6.37
N GLY B 173 6.72 -30.04 6.16
CA GLY B 173 7.98 -29.87 5.41
C GLY B 173 7.83 -29.62 3.97
N LYS B 174 6.68 -29.82 3.38
N LYS B 174 6.67 -29.85 3.37
CA LYS B 174 6.54 -29.56 1.97
CA LYS B 174 6.47 -29.57 1.94
C LYS B 174 6.49 -28.08 1.68
C LYS B 174 6.49 -28.08 1.68
N GLN B 175 7.03 -27.67 0.56
CA GLN B 175 6.99 -26.29 0.10
C GLN B 175 6.74 -26.19 -1.38
N THR B 176 6.30 -25.04 -1.81
N THR B 176 6.16 -25.08 -1.82
CA THR B 176 6.11 -24.81 -3.21
CA THR B 176 5.95 -24.80 -3.25
C THR B 176 6.40 -23.36 -3.49
C THR B 176 6.16 -23.33 -3.59
N ARG B 177 6.67 -23.06 -4.73
N ARG B 177 6.67 -23.06 -4.77
CA ARG B 177 6.88 -21.74 -5.20
CA ARG B 177 6.95 -21.71 -5.16
C ARG B 177 5.63 -20.94 -4.92
C ARG B 177 5.65 -20.89 -5.05
N PHE B 178 5.83 -19.66 -4.55
CA PHE B 178 4.66 -18.77 -4.23
C PHE B 178 5.10 -17.34 -4.33
N THR B 179 4.90 -16.76 -5.50
CA THR B 179 5.25 -15.37 -5.70
C THR B 179 4.10 -14.62 -6.36
N ASN B 180 4.33 -13.32 -6.53
N ASN B 180 4.23 -13.29 -6.55
CA ASN B 180 3.27 -12.48 -7.08
CA ASN B 180 3.10 -12.49 -7.12
C ASN B 180 2.00 -12.65 -6.26
C ASN B 180 1.87 -12.48 -6.24
N PHE B 181 2.13 -12.43 -4.95
CA PHE B 181 1.02 -12.59 -3.98
C PHE B 181 0.54 -11.19 -3.56
N ASP B 182 -0.74 -10.93 -3.76
CA ASP B 182 -1.30 -9.63 -3.32
C ASP B 182 -1.78 -9.68 -1.84
N LEU B 183 -0.81 -9.48 -0.95
CA LEU B 183 -1.12 -9.45 0.50
C LEU B 183 -1.95 -8.26 0.88
N LEU B 184 -1.75 -7.11 0.23
CA LEU B 184 -2.37 -5.90 0.63
C LEU B 184 -3.85 -6.06 0.52
N SER B 185 -4.37 -6.80 -0.52
N SER B 185 -4.33 -6.80 -0.52
CA SER B 185 -5.83 -6.98 -0.69
CA SER B 185 -5.76 -6.97 -0.70
C SER B 185 -6.45 -8.02 0.25
C SER B 185 -6.41 -7.89 0.31
N LEU B 186 -5.63 -8.66 1.10
CA LEU B 186 -6.17 -9.51 2.14
C LEU B 186 -6.52 -8.69 3.31
N LEU B 187 -6.01 -7.47 3.55
CA LEU B 187 -6.33 -6.58 4.59
C LEU B 187 -7.70 -5.93 4.43
N PRO B 188 -8.41 -5.69 5.57
CA PRO B 188 -9.71 -5.04 5.48
C PRO B 188 -9.60 -3.60 4.98
N PRO B 189 -10.74 -2.98 4.62
CA PRO B 189 -10.69 -1.55 4.11
C PRO B 189 -10.24 -0.61 5.23
N SER B 190 -10.74 -0.76 6.47
CA SER B 190 -10.22 0.11 7.53
C SER B 190 -9.02 -0.55 8.25
N TRP B 191 -8.01 0.24 8.51
CA TRP B 191 -6.81 -0.23 9.20
C TRP B 191 -6.77 0.29 10.62
N ASP B 192 -7.93 0.71 11.16
CA ASP B 192 -7.92 1.05 12.61
C ASP B 192 -7.47 -0.16 13.45
N TYR B 193 -6.71 0.13 14.50
CA TYR B 193 -6.11 -0.97 15.28
C TYR B 193 -5.90 -0.69 16.74
N TRP B 194 -5.65 -1.79 17.47
CA TRP B 194 -5.16 -1.72 18.78
C TRP B 194 -3.67 -2.11 18.85
N THR B 195 -2.91 -1.61 19.81
CA THR B 195 -1.53 -1.99 19.85
C THR B 195 -1.06 -2.17 21.23
N TYR B 196 -0.18 -3.11 21.53
CA TYR B 196 0.31 -3.42 22.85
C TYR B 196 1.59 -4.20 22.71
N PRO B 197 2.44 -4.28 23.73
CA PRO B 197 3.74 -5.05 23.67
C PRO B 197 3.46 -6.44 24.08
N GLY B 198 3.91 -7.42 23.27
CA GLY B 198 3.70 -8.78 23.60
C GLY B 198 4.72 -9.71 23.03
N SER B 199 4.26 -10.89 22.61
CA SER B 199 5.20 -11.99 22.39
C SER B 199 4.81 -12.76 21.10
N LEU B 200 5.69 -13.67 20.65
CA LEU B 200 5.26 -14.73 19.73
C LEU B 200 4.16 -15.50 20.43
N THR B 201 3.22 -15.99 19.62
CA THR B 201 2.14 -16.85 20.19
C THR B 201 2.46 -18.30 20.03
N VAL B 202 3.66 -18.67 19.55
CA VAL B 202 4.11 -20.03 19.47
C VAL B 202 5.44 -20.11 20.15
N PRO B 203 5.83 -21.27 20.64
CA PRO B 203 7.26 -21.46 21.05
C PRO B 203 8.19 -20.94 19.95
N PRO B 204 9.23 -20.14 20.35
CA PRO B 204 9.70 -19.93 21.71
C PRO B 204 9.06 -18.81 22.51
N LEU B 205 7.94 -18.24 22.04
CA LEU B 205 7.21 -17.34 22.84
C LEU B 205 7.96 -16.08 23.32
N LEU B 206 8.91 -15.71 22.47
CA LEU B 206 9.78 -14.52 22.85
C LEU B 206 8.97 -13.26 22.95
N GLU B 207 9.32 -12.44 23.94
CA GLU B 207 8.66 -11.16 24.23
C GLU B 207 9.33 -10.05 23.44
N SER B 208 9.14 -10.09 22.13
CA SER B 208 9.80 -9.19 21.17
C SER B 208 8.87 -8.55 20.16
N VAL B 209 7.52 -8.65 20.45
CA VAL B 209 6.54 -8.19 19.44
C VAL B 209 5.79 -6.95 19.78
N THR B 210 5.78 -6.01 18.89
CA THR B 210 4.77 -4.91 18.97
C THR B 210 3.61 -5.36 18.14
N TRP B 211 2.47 -5.64 18.82
CA TRP B 211 1.25 -6.15 18.15
C TRP B 211 0.43 -5.04 17.62
N ILE B 212 -0.07 -5.17 16.44
CA ILE B 212 -1.01 -4.25 15.78
C ILE B 212 -2.18 -5.00 15.28
N VAL B 213 -3.25 -5.01 16.12
CA VAL B 213 -4.39 -5.88 15.84
C VAL B 213 -5.47 -5.01 15.21
N LEU B 214 -5.84 -5.36 13.97
CA LEU B 214 -6.87 -4.55 13.25
C LEU B 214 -8.27 -4.86 13.77
N LYS B 215 -9.07 -3.81 13.90
CA LYS B 215 -10.44 -3.99 14.42
C LYS B 215 -11.39 -4.68 13.43
N GLN B 216 -11.28 -4.33 12.13
CA GLN B 216 -12.25 -4.79 11.17
C GLN B 216 -11.89 -6.18 10.65
N PRO B 217 -12.72 -7.19 10.77
CA PRO B 217 -12.43 -8.50 10.22
C PRO B 217 -12.54 -8.54 8.71
N ILE B 218 -11.96 -9.55 8.11
CA ILE B 218 -12.23 -9.90 6.72
C ILE B 218 -13.08 -11.16 6.71
N ASN B 219 -13.66 -11.58 5.60
CA ASN B 219 -14.51 -12.75 5.51
C ASN B 219 -13.76 -13.96 5.18
N ILE B 220 -14.22 -15.11 5.54
CA ILE B 220 -13.84 -16.42 4.99
C ILE B 220 -15.10 -17.32 5.02
N SER B 221 -15.27 -18.14 4.00
CA SER B 221 -16.41 -19.08 4.16
C SER B 221 -16.05 -20.30 4.97
N SER B 222 -17.11 -20.92 5.48
N SER B 222 -16.99 -21.14 5.44
CA SER B 222 -16.89 -22.14 6.11
CA SER B 222 -16.66 -22.40 6.10
C SER B 222 -16.11 -23.15 5.30
C SER B 222 -15.96 -23.38 5.23
N GLN B 223 -16.44 -23.39 3.98
CA GLN B 223 -15.77 -24.29 3.12
C GLN B 223 -14.27 -23.93 2.93
N GLN B 224 -14.01 -22.62 2.80
CA GLN B 224 -12.54 -22.25 2.67
C GLN B 224 -11.79 -22.59 3.94
N LEU B 225 -12.39 -22.27 5.07
CA LEU B 225 -11.65 -22.46 6.33
C LEU B 225 -11.37 -23.93 6.56
N ALA B 226 -12.33 -24.83 6.23
CA ALA B 226 -12.16 -26.24 6.41
C ALA B 226 -10.95 -26.82 5.64
N LYS B 227 -10.57 -26.25 4.52
CA LYS B 227 -9.42 -26.71 3.77
C LYS B 227 -8.16 -26.58 4.58
N PHE B 228 -8.06 -25.56 5.45
CA PHE B 228 -6.80 -25.40 6.25
C PHE B 228 -6.66 -26.56 7.24
N ARG B 229 -7.84 -27.07 7.75
CA ARG B 229 -7.83 -28.18 8.73
C ARG B 229 -7.43 -29.49 8.12
N SER B 230 -7.34 -29.58 6.78
CA SER B 230 -6.83 -30.74 6.07
C SER B 230 -5.31 -30.84 5.99
N LEU B 231 -4.61 -29.74 6.34
CA LEU B 231 -3.18 -29.86 6.47
C LEU B 231 -2.80 -30.80 7.56
N LEU B 232 -1.64 -31.49 7.44
CA LEU B 232 -1.10 -32.34 8.49
C LEU B 232 -0.11 -31.66 9.39
N CYS B 233 -0.01 -32.07 10.61
CA CYS B 233 1.08 -31.63 11.53
C CYS B 233 2.18 -32.70 11.49
N THR B 234 2.05 -33.69 10.64
CA THR B 234 3.02 -34.78 10.52
C THR B 234 3.64 -34.75 9.09
N ALA B 235 4.87 -35.34 9.03
CA ALA B 235 5.64 -35.43 7.80
C ALA B 235 5.28 -36.67 6.98
N GLU B 236 5.64 -36.67 5.71
CA GLU B 236 5.46 -37.86 4.85
C GLU B 236 6.02 -39.14 5.53
N GLY B 237 5.27 -40.25 5.42
CA GLY B 237 5.70 -41.56 5.91
C GLY B 237 5.49 -41.75 7.41
N GLU B 238 4.88 -40.76 8.06
CA GLU B 238 4.66 -40.68 9.53
C GLU B 238 3.13 -40.86 9.64
N ALA B 239 2.62 -41.46 10.73
CA ALA B 239 1.16 -41.74 10.81
C ALA B 239 0.51 -40.33 10.86
N ALA B 240 -0.50 -40.15 10.03
CA ALA B 240 -1.04 -38.82 9.82
C ALA B 240 -1.79 -38.30 11.05
N ALA B 241 -1.67 -36.99 11.31
CA ALA B 241 -2.45 -36.31 12.30
C ALA B 241 -2.74 -34.97 11.62
N PHE B 242 -3.94 -34.47 11.74
CA PHE B 242 -4.41 -33.27 11.12
C PHE B 242 -4.28 -32.05 11.99
N LEU B 243 -3.94 -30.91 11.35
CA LEU B 243 -3.82 -29.62 12.07
C LEU B 243 -5.22 -28.97 12.09
N VAL B 244 -6.08 -29.56 12.92
CA VAL B 244 -7.47 -29.05 12.94
C VAL B 244 -7.63 -27.80 13.75
N SER B 245 -6.66 -27.54 14.67
CA SER B 245 -6.67 -26.40 15.47
C SER B 245 -5.22 -25.94 15.75
N ASN B 246 -5.03 -24.61 15.77
CA ASN B 246 -3.58 -24.13 16.01
C ASN B 246 -3.61 -22.76 16.58
N HIS B 247 -4.40 -22.50 17.56
CA HIS B 247 -4.47 -21.24 18.23
C HIS B 247 -4.18 -21.32 19.66
N ARG B 248 -3.45 -20.36 20.19
CA ARG B 248 -3.12 -20.28 21.68
C ARG B 248 -4.21 -19.37 22.34
N PRO B 249 -4.70 -19.78 23.56
CA PRO B 249 -5.65 -18.93 24.26
C PRO B 249 -5.01 -17.63 24.71
N PRO B 250 -5.78 -16.60 24.91
CA PRO B 250 -5.25 -15.35 25.51
C PRO B 250 -4.60 -15.57 26.84
N GLN B 251 -3.63 -14.77 27.11
CA GLN B 251 -2.83 -14.83 28.34
C GLN B 251 -3.17 -13.49 29.03
N PRO B 252 -2.89 -13.43 30.38
CA PRO B 252 -3.26 -12.20 31.12
C PRO B 252 -2.41 -10.98 30.80
N LEU B 253 -3.00 -9.79 30.90
CA LEU B 253 -2.32 -8.61 30.56
C LEU B 253 -1.17 -8.23 31.51
N LYS B 254 -1.44 -8.56 32.78
N LYS B 254 -1.21 -8.61 32.79
CA LYS B 254 -0.53 -8.42 33.90
CA LYS B 254 0.00 -8.33 33.65
C LYS B 254 0.11 -7.07 33.97
C LYS B 254 0.34 -6.81 33.76
N GLY B 255 -0.71 -6.03 33.78
CA GLY B 255 -0.42 -4.61 33.95
C GLY B 255 -0.14 -3.82 32.70
N ARG B 256 0.01 -4.52 31.53
CA ARG B 256 0.08 -3.77 30.27
C ARG B 256 -1.20 -3.07 29.86
N LYS B 257 -1.07 -1.99 29.14
CA LYS B 257 -2.28 -1.34 28.68
C LYS B 257 -2.22 -1.46 27.14
N VAL B 258 -3.40 -1.47 26.61
CA VAL B 258 -3.62 -1.54 25.17
C VAL B 258 -4.01 -0.17 24.65
N ARG B 259 -3.48 0.32 23.55
CA ARG B 259 -3.80 1.69 23.00
C ARG B 259 -4.57 1.54 21.74
N ALA B 260 -5.44 2.46 21.35
CA ALA B 260 -6.26 2.45 20.13
C ALA B 260 -5.76 3.52 19.15
N SER B 261 -5.79 3.25 17.84
CA SER B 261 -5.41 4.24 16.84
C SER B 261 -6.59 5.19 16.48
N PHE B 262 -7.78 4.94 17.04
CA PHE B 262 -9.00 5.52 16.55
C PHE B 262 -9.84 5.93 17.76
N HIS B 263 -10.76 6.89 17.53
CA HIS B 263 -11.66 7.48 18.57
C HIS B 263 -12.93 6.72 18.73
#